data_5SD5
#
_entry.id   5SD5
#
_cell.length_a   29.610
_cell.length_b   66.990
_cell.length_c   71.990
_cell.angle_alpha   90.000
_cell.angle_beta   90.000
_cell.angle_gamma   90.000
#
_symmetry.space_group_name_H-M   'P 21 21 21'
#
loop_
_entity.id
_entity.type
_entity.pdbx_description
1 polymer 'Dihydrofolate reductase'
2 non-polymer 'NADP NICOTINAMIDE-ADENINE-DINUCLEOTIDE PHOSPHATE'
3 non-polymer '1-(2-{3-[(2,4-diamino-6-ethylpyrimidin-5-yl)oxy]propoxy}-4-methylphenyl)azetidine-3-carboxylic acid'
4 non-polymer 1,2-ETHANEDIOL
5 non-polymer IMIDAZOLE
6 water water
#
_entity_poly.entity_id   1
_entity_poly.type   'polypeptide(L)'
_entity_poly.pdbx_seq_one_letter_code
;MGSSHHHHHHSSGLVPRGSHMVGLIWAQATSGVIGRGGDIPWRLPEDQAHFREITMGHTIVMGRRTWDSLPAKVRPLPGR
RNVVLSRQADFMASGAEVVGSLEEALTSPETWVIGGGQVYALALPYATRCEVTEVDIGLPREAGDALAPVLDETWRGETG
EWRFSRSGLRYRLYSYHRS
;
_entity_poly.pdbx_strand_id   A
#
# COMPACT_ATOMS: atom_id res chain seq x y z
N LEU A 14 10.19 -0.18 17.84
CA LEU A 14 11.11 -1.20 17.36
C LEU A 14 10.33 -2.44 16.91
N VAL A 15 10.90 -3.20 15.98
CA VAL A 15 10.27 -4.41 15.48
C VAL A 15 11.13 -5.60 15.88
N PRO A 16 10.72 -6.40 16.88
CA PRO A 16 11.49 -7.61 17.21
CA PRO A 16 11.50 -7.60 17.21
C PRO A 16 11.46 -8.59 16.07
N ARG A 17 12.58 -9.31 15.89
CA ARG A 17 12.66 -10.19 14.72
C ARG A 17 11.77 -11.42 14.83
N GLY A 18 11.28 -11.74 16.02
CA GLY A 18 10.37 -12.84 16.19
C GLY A 18 8.91 -12.50 16.01
N SER A 19 8.60 -11.26 15.69
CA SER A 19 7.24 -10.81 15.54
C SER A 19 6.83 -10.84 14.06
N HIS A 20 5.58 -10.50 13.80
CA HIS A 20 5.10 -10.35 12.43
C HIS A 20 4.27 -9.07 12.36
N MET A 21 4.96 -7.94 12.20
CA MET A 21 4.30 -6.66 12.08
CA MET A 21 4.30 -6.65 12.07
C MET A 21 3.75 -6.50 10.66
N VAL A 22 2.51 -6.02 10.58
CA VAL A 22 1.83 -5.81 9.31
C VAL A 22 1.39 -4.36 9.24
N GLY A 23 1.87 -3.65 8.22
CA GLY A 23 1.43 -2.30 7.95
C GLY A 23 0.77 -2.22 6.58
N LEU A 24 -0.15 -1.26 6.44
CA LEU A 24 -0.74 -0.94 5.16
C LEU A 24 -0.23 0.43 4.73
N ILE A 25 0.05 0.60 3.45
CA ILE A 25 0.48 1.90 2.93
C ILE A 25 -0.25 2.15 1.63
N TRP A 26 -0.87 3.33 1.51
CA TRP A 26 -1.62 3.67 0.29
C TRP A 26 -1.65 5.17 0.11
N ALA A 27 -1.97 5.57 -1.12
CA ALA A 27 -2.26 6.96 -1.46
C ALA A 27 -3.70 7.04 -1.98
N GLN A 28 -4.45 8.01 -1.47
CA GLN A 28 -5.84 8.16 -1.88
C GLN A 28 -6.15 9.60 -2.25
N ALA A 29 -7.14 9.77 -3.12
CA ALA A 29 -7.77 11.07 -3.24
C ALA A 29 -8.63 11.33 -2.01
N THR A 30 -9.11 12.57 -1.87
CA THR A 30 -9.93 12.89 -0.70
C THR A 30 -11.21 12.07 -0.65
N SER A 31 -11.66 11.54 -1.79
CA SER A 31 -12.82 10.66 -1.87
C SER A 31 -12.53 9.24 -1.41
N GLY A 32 -11.28 8.89 -1.19
CA GLY A 32 -10.93 7.51 -0.89
C GLY A 32 -10.57 6.68 -2.10
N VAL A 33 -10.69 7.22 -3.30
CA VAL A 33 -10.27 6.50 -4.49
C VAL A 33 -8.77 6.27 -4.46
N ILE A 34 -8.36 5.02 -4.69
CA ILE A 34 -6.95 4.70 -4.85
C ILE A 34 -6.61 4.17 -6.24
N GLY A 35 -7.57 3.65 -6.99
CA GLY A 35 -7.28 3.04 -8.27
C GLY A 35 -8.48 3.12 -9.19
N ARG A 36 -8.20 3.25 -10.48
CA ARG A 36 -9.25 3.34 -11.47
C ARG A 36 -8.67 2.87 -12.80
N GLY A 37 -9.42 2.04 -13.51
CA GLY A 37 -9.01 1.58 -14.82
C GLY A 37 -7.65 0.92 -14.85
N GLY A 38 -7.28 0.20 -13.79
CA GLY A 38 -6.01 -0.50 -13.74
C GLY A 38 -4.81 0.39 -13.48
N ASP A 39 -5.03 1.59 -12.98
CA ASP A 39 -3.97 2.56 -12.74
C ASP A 39 -4.32 3.36 -11.51
N ILE A 40 -3.44 4.28 -11.16
CA ILE A 40 -3.71 5.30 -10.14
C ILE A 40 -4.06 6.60 -10.87
N PRO A 41 -5.19 7.24 -10.57
CA PRO A 41 -5.65 8.36 -11.41
C PRO A 41 -5.03 9.72 -11.10
N TRP A 42 -3.78 9.73 -10.63
CA TRP A 42 -3.00 10.96 -10.48
C TRP A 42 -1.54 10.52 -10.42
N ARG A 43 -0.64 11.51 -10.44
CA ARG A 43 0.77 11.26 -10.19
C ARG A 43 1.27 12.29 -9.19
N LEU A 44 2.03 11.83 -8.19
CA LEU A 44 2.55 12.72 -7.15
C LEU A 44 3.96 12.24 -6.79
N PRO A 45 5.00 12.92 -7.27
CA PRO A 45 6.36 12.45 -6.98
CA PRO A 45 6.37 12.47 -6.98
C PRO A 45 6.66 12.34 -5.50
N GLU A 46 6.13 13.25 -4.68
CA GLU A 46 6.37 13.18 -3.23
C GLU A 46 5.79 11.90 -2.65
N ASP A 47 4.69 11.42 -3.22
CA ASP A 47 4.13 10.16 -2.74
C ASP A 47 5.00 8.98 -3.16
N GLN A 48 5.51 9.00 -4.38
CA GLN A 48 6.42 7.93 -4.81
C GLN A 48 7.65 7.86 -3.91
N ALA A 49 8.22 9.02 -3.58
CA ALA A 49 9.38 9.05 -2.70
C ALA A 49 9.04 8.53 -1.31
N HIS A 50 7.88 8.93 -0.78
CA HIS A 50 7.46 8.52 0.55
C HIS A 50 7.21 7.02 0.62
N PHE A 51 6.50 6.50 -0.38
CA PHE A 51 6.24 5.05 -0.45
C PHE A 51 7.55 4.28 -0.45
N ARG A 52 8.52 4.72 -1.21
CA ARG A 52 9.80 4.02 -1.27
C ARG A 52 10.58 4.17 0.04
N GLU A 53 10.54 5.35 0.66
CA GLU A 53 11.26 5.52 1.93
C GLU A 53 10.75 4.57 2.99
N ILE A 54 9.44 4.37 3.06
CA ILE A 54 8.84 3.54 4.11
CA ILE A 54 8.86 3.54 4.11
C ILE A 54 9.08 2.06 3.83
N THR A 55 8.90 1.63 2.59
CA THR A 55 8.91 0.21 2.31
C THR A 55 10.29 -0.37 2.08
N MET A 56 11.29 0.45 1.77
CA MET A 56 12.57 -0.08 1.31
C MET A 56 13.18 -1.01 2.34
N GLY A 57 13.68 -2.15 1.87
CA GLY A 57 14.31 -3.13 2.72
C GLY A 57 13.37 -4.14 3.35
N HIS A 58 12.06 -3.96 3.23
CA HIS A 58 11.09 -4.85 3.85
C HIS A 58 10.39 -5.70 2.79
N THR A 59 9.65 -6.69 3.27
CA THR A 59 8.78 -7.43 2.37
C THR A 59 7.56 -6.57 2.03
N ILE A 60 7.19 -6.59 0.75
CA ILE A 60 5.97 -5.96 0.28
C ILE A 60 5.03 -7.04 -0.26
N VAL A 61 3.76 -6.89 0.09
CA VAL A 61 2.70 -7.81 -0.34
C VAL A 61 1.70 -7.02 -1.16
N MET A 62 1.37 -7.52 -2.34
CA MET A 62 0.43 -6.84 -3.22
C MET A 62 -0.54 -7.83 -3.81
N GLY A 63 -1.73 -7.35 -4.14
CA GLY A 63 -2.66 -8.16 -4.90
C GLY A 63 -2.21 -8.34 -6.35
N ARG A 64 -2.73 -9.41 -6.96
CA ARG A 64 -2.35 -9.71 -8.33
C ARG A 64 -2.64 -8.54 -9.27
N ARG A 65 -3.74 -7.81 -9.05
CA ARG A 65 -4.06 -6.72 -9.95
C ARG A 65 -3.10 -5.55 -9.77
N THR A 66 -2.51 -5.40 -8.59
CA THR A 66 -1.48 -4.38 -8.41
C THR A 66 -0.18 -4.78 -9.12
N TRP A 67 0.19 -6.06 -9.05
CA TRP A 67 1.31 -6.53 -9.86
C TRP A 67 1.08 -6.23 -11.33
N ASP A 68 -0.14 -6.52 -11.82
CA ASP A 68 -0.48 -6.24 -13.22
C ASP A 68 -0.32 -4.77 -13.56
N SER A 69 -0.57 -3.88 -12.59
CA SER A 69 -0.52 -2.44 -12.85
C SER A 69 0.90 -1.92 -12.95
N LEU A 70 1.89 -2.69 -12.52
CA LEU A 70 3.29 -2.29 -12.64
C LEU A 70 3.80 -2.62 -14.03
N PRO A 71 4.48 -1.70 -14.70
CA PRO A 71 5.09 -2.04 -16.00
C PRO A 71 5.99 -3.26 -15.86
N ALA A 72 5.98 -4.11 -16.89
CA ALA A 72 6.79 -5.33 -16.85
C ALA A 72 8.25 -5.03 -16.56
N LYS A 73 8.78 -3.93 -17.13
CA LYS A 73 10.19 -3.62 -16.95
C LYS A 73 10.54 -3.24 -15.52
N VAL A 74 9.57 -2.79 -14.72
CA VAL A 74 9.89 -2.32 -13.39
CA VAL A 74 9.84 -2.29 -13.38
C VAL A 74 9.71 -3.38 -12.31
N ARG A 75 8.92 -4.40 -12.56
CA ARG A 75 8.63 -5.37 -11.53
C ARG A 75 9.57 -6.57 -11.64
N PRO A 76 9.94 -7.21 -10.52
CA PRO A 76 9.56 -6.86 -9.14
C PRO A 76 10.21 -5.57 -8.67
N LEU A 77 9.53 -4.87 -7.77
CA LEU A 77 10.04 -3.60 -7.29
C LEU A 77 11.36 -3.82 -6.54
N PRO A 78 12.38 -3.00 -6.82
CA PRO A 78 13.72 -3.27 -6.28
C PRO A 78 13.83 -3.00 -4.79
N GLY A 79 14.75 -3.72 -4.15
CA GLY A 79 15.13 -3.43 -2.78
C GLY A 79 14.20 -3.98 -1.73
N ARG A 80 13.20 -4.77 -2.14
CA ARG A 80 12.16 -5.29 -1.27
C ARG A 80 11.82 -6.68 -1.78
N ARG A 81 11.55 -7.60 -0.86
CA ARG A 81 11.05 -8.91 -1.24
C ARG A 81 9.60 -8.76 -1.71
N ASN A 82 9.31 -9.12 -2.95
CA ASN A 82 7.97 -8.94 -3.52
C ASN A 82 7.17 -10.22 -3.38
N VAL A 83 5.96 -10.11 -2.82
CA VAL A 83 5.03 -11.23 -2.70
C VAL A 83 3.70 -10.78 -3.29
N VAL A 84 3.12 -11.62 -4.15
CA VAL A 84 1.87 -11.32 -4.84
C VAL A 84 0.82 -12.34 -4.41
N LEU A 85 -0.37 -11.84 -4.08
CA LEU A 85 -1.51 -12.68 -3.72
C LEU A 85 -2.36 -13.00 -4.94
N SER A 86 -2.62 -14.29 -5.18
CA SER A 86 -3.54 -14.71 -6.23
C SER A 86 -4.18 -16.02 -5.81
N ARG A 87 -5.41 -16.23 -6.24
CA ARG A 87 -6.07 -17.52 -6.10
C ARG A 87 -5.91 -18.40 -7.34
N GLN A 88 -5.28 -17.88 -8.38
CA GLN A 88 -5.16 -18.61 -9.64
C GLN A 88 -3.88 -19.42 -9.61
N ALA A 89 -4.03 -20.75 -9.73
CA ALA A 89 -2.87 -21.64 -9.64
C ALA A 89 -1.90 -21.45 -10.80
N ASP A 90 -2.33 -20.83 -11.89
CA ASP A 90 -1.47 -20.62 -13.04
C ASP A 90 -1.02 -19.17 -13.21
N PHE A 91 -1.32 -18.30 -12.25
CA PHE A 91 -0.77 -16.96 -12.30
C PHE A 91 0.67 -16.98 -11.80
N MET A 92 1.58 -16.40 -12.57
CA MET A 92 2.99 -16.37 -12.22
C MET A 92 3.52 -14.95 -12.32
N ALA A 93 4.38 -14.60 -11.36
CA ALA A 93 4.97 -13.25 -11.27
C ALA A 93 6.48 -13.41 -11.37
N SER A 94 7.04 -13.16 -12.55
CA SER A 94 8.46 -13.38 -12.74
C SER A 94 9.28 -12.52 -11.81
N GLY A 95 10.20 -13.15 -11.07
CA GLY A 95 11.05 -12.45 -10.13
C GLY A 95 10.50 -12.40 -8.72
N ALA A 96 9.24 -12.80 -8.52
CA ALA A 96 8.57 -12.66 -7.24
C ALA A 96 7.88 -13.97 -6.89
N GLU A 97 7.35 -14.02 -5.68
CA GLU A 97 6.64 -15.18 -5.16
C GLU A 97 5.14 -14.91 -5.19
N VAL A 98 4.37 -15.87 -5.71
CA VAL A 98 2.90 -15.81 -5.68
C VAL A 98 2.42 -16.78 -4.62
N VAL A 99 1.57 -16.30 -3.71
CA VAL A 99 0.97 -17.15 -2.69
C VAL A 99 -0.53 -16.91 -2.67
N GLY A 100 -1.26 -17.87 -2.11
CA GLY A 100 -2.70 -17.84 -2.12
C GLY A 100 -3.36 -17.29 -0.88
N SER A 101 -2.60 -16.80 0.10
CA SER A 101 -3.19 -16.40 1.37
C SER A 101 -2.27 -15.43 2.09
N LEU A 102 -2.87 -14.67 3.01
CA LEU A 102 -2.06 -13.83 3.89
C LEU A 102 -1.26 -14.67 4.86
N GLU A 103 -1.79 -15.83 5.28
CA GLU A 103 -1.02 -16.73 6.13
C GLU A 103 0.33 -17.05 5.52
N GLU A 104 0.37 -17.24 4.20
CA GLU A 104 1.61 -17.53 3.51
CA GLU A 104 1.62 -17.55 3.53
C GLU A 104 2.42 -16.28 3.23
N ALA A 105 1.76 -15.13 3.08
CA ALA A 105 2.46 -13.91 2.69
C ALA A 105 3.08 -13.16 3.86
N LEU A 106 2.65 -13.43 5.09
CA LEU A 106 3.05 -12.62 6.23
C LEU A 106 4.03 -13.33 7.14
N THR A 107 5.09 -13.91 6.56
CA THR A 107 6.08 -14.64 7.35
C THR A 107 7.27 -13.79 7.78
N SER A 108 7.47 -12.61 7.20
CA SER A 108 8.60 -11.77 7.55
CA SER A 108 8.60 -11.77 7.55
C SER A 108 8.33 -11.03 8.85
N PRO A 109 9.38 -10.50 9.51
CA PRO A 109 9.13 -9.72 10.72
C PRO A 109 8.39 -8.42 10.47
N GLU A 110 8.58 -7.80 9.31
CA GLU A 110 7.92 -6.54 8.98
C GLU A 110 7.46 -6.62 7.54
N THR A 111 6.17 -6.48 7.32
CA THR A 111 5.59 -6.57 6.00
C THR A 111 4.75 -5.33 5.74
N TRP A 112 4.91 -4.75 4.56
CA TRP A 112 4.06 -3.67 4.10
C TRP A 112 3.14 -4.19 3.02
N VAL A 113 1.84 -4.08 3.26
CA VAL A 113 0.82 -4.38 2.26
C VAL A 113 0.65 -3.12 1.42
N ILE A 114 0.92 -3.24 0.12
CA ILE A 114 1.05 -2.09 -0.78
C ILE A 114 -0.11 -1.97 -1.74
N GLY A 115 -1.20 -2.70 -1.49
CA GLY A 115 -2.42 -2.58 -2.26
C GLY A 115 -2.71 -3.84 -3.06
N GLY A 116 -3.84 -3.82 -3.77
CA GLY A 116 -4.76 -2.70 -3.87
C GLY A 116 -5.95 -2.80 -2.93
N GLY A 117 -7.11 -2.35 -3.41
CA GLY A 117 -8.27 -2.24 -2.54
C GLY A 117 -8.69 -3.56 -1.90
N GLN A 118 -8.71 -4.63 -2.69
CA GLN A 118 -9.10 -5.92 -2.11
C GLN A 118 -8.11 -6.36 -1.04
N VAL A 119 -6.81 -6.20 -1.31
CA VAL A 119 -5.83 -6.71 -0.38
C VAL A 119 -5.74 -5.86 0.89
N TYR A 120 -5.99 -4.54 0.81
CA TYR A 120 -6.08 -3.76 2.04
C TYR A 120 -7.19 -4.28 2.94
N ALA A 121 -8.37 -4.55 2.36
CA ALA A 121 -9.47 -5.04 3.18
C ALA A 121 -9.13 -6.40 3.76
N LEU A 122 -8.47 -7.25 2.97
CA LEU A 122 -8.09 -8.58 3.42
C LEU A 122 -7.13 -8.51 4.60
N ALA A 123 -6.15 -7.61 4.54
CA ALA A 123 -5.10 -7.55 5.55
C ALA A 123 -5.48 -6.74 6.77
N LEU A 124 -6.50 -5.89 6.68
CA LEU A 124 -6.84 -4.97 7.75
C LEU A 124 -6.93 -5.61 9.12
N PRO A 125 -7.60 -6.77 9.31
CA PRO A 125 -7.71 -7.33 10.67
C PRO A 125 -6.38 -7.68 11.32
N TYR A 126 -5.30 -7.80 10.55
CA TYR A 126 -4.00 -8.17 11.09
C TYR A 126 -3.06 -6.98 11.21
N ALA A 127 -3.46 -5.84 10.68
CA ALA A 127 -2.58 -4.68 10.59
C ALA A 127 -2.61 -3.86 11.87
N THR A 128 -1.46 -3.29 12.21
CA THR A 128 -1.33 -2.39 13.35
C THR A 128 -0.83 -1.02 12.97
N ARG A 129 -0.51 -0.78 11.70
CA ARG A 129 -0.06 0.52 11.24
CA ARG A 129 -0.05 0.52 11.23
C ARG A 129 -0.61 0.77 9.84
N CYS A 130 -1.02 2.00 9.57
CA CYS A 130 -1.35 2.46 8.23
C CYS A 130 -0.60 3.75 7.96
N GLU A 131 0.00 3.87 6.79
CA GLU A 131 0.64 5.10 6.34
C GLU A 131 -0.08 5.55 5.10
N VAL A 132 -0.69 6.73 5.16
CA VAL A 132 -1.59 7.22 4.11
C VAL A 132 -1.03 8.51 3.55
N THR A 133 -1.06 8.62 2.23
CA THR A 133 -0.93 9.91 1.55
C THR A 133 -2.30 10.27 1.01
N GLU A 134 -2.78 11.45 1.35
CA GLU A 134 -4.04 11.93 0.81
C GLU A 134 -3.77 13.08 -0.14
N VAL A 135 -4.27 12.98 -1.36
CA VAL A 135 -4.04 13.94 -2.43
C VAL A 135 -5.31 14.75 -2.60
N ASP A 136 -5.18 16.08 -2.57
CA ASP A 136 -6.33 16.97 -2.68
C ASP A 136 -6.70 17.17 -4.15
N ILE A 137 -7.09 16.07 -4.78
CA ILE A 137 -7.60 16.07 -6.14
C ILE A 137 -9.04 15.58 -6.10
N GLY A 138 -9.94 16.32 -6.76
CA GLY A 138 -11.35 16.03 -6.68
C GLY A 138 -11.75 14.92 -7.64
N LEU A 139 -11.67 13.67 -7.19
CA LEU A 139 -11.99 12.50 -8.02
C LEU A 139 -13.07 11.70 -7.31
N PRO A 140 -14.34 11.99 -7.54
CA PRO A 140 -15.39 11.25 -6.85
C PRO A 140 -15.37 9.77 -7.26
N ARG A 141 -15.92 8.96 -6.38
CA ARG A 141 -15.89 7.52 -6.56
C ARG A 141 -16.77 7.10 -7.73
N GLU A 142 -16.26 6.21 -8.56
CA GLU A 142 -17.00 5.66 -9.68
C GLU A 142 -17.08 4.15 -9.50
N ALA A 143 -18.11 3.55 -10.09
CA ALA A 143 -18.29 2.11 -10.01
C ALA A 143 -17.03 1.41 -10.51
N GLY A 144 -16.58 0.40 -9.76
CA GLY A 144 -15.41 -0.33 -10.14
C GLY A 144 -14.09 0.22 -9.64
N ASP A 145 -14.09 1.42 -9.04
CA ASP A 145 -12.86 1.96 -8.49
C ASP A 145 -12.34 1.06 -7.37
N ALA A 146 -11.03 1.08 -7.18
CA ALA A 146 -10.46 0.54 -5.94
C ALA A 146 -10.44 1.66 -4.92
N LEU A 147 -10.81 1.33 -3.68
CA LEU A 147 -10.94 2.31 -2.61
C LEU A 147 -10.06 1.94 -1.42
N ALA A 148 -9.67 2.98 -0.68
CA ALA A 148 -8.96 2.80 0.57
C ALA A 148 -9.86 2.08 1.58
N PRO A 149 -9.28 1.33 2.50
CA PRO A 149 -10.10 0.70 3.54
C PRO A 149 -10.58 1.75 4.53
N VAL A 150 -11.77 1.54 5.06
CA VAL A 150 -12.27 2.40 6.13
C VAL A 150 -11.68 1.94 7.46
N LEU A 151 -11.36 2.90 8.32
CA LEU A 151 -10.68 2.64 9.58
C LEU A 151 -11.60 2.95 10.75
N ASP A 152 -11.87 1.95 11.57
CA ASP A 152 -12.75 2.07 12.72
C ASP A 152 -12.05 2.80 13.87
N GLU A 153 -12.76 2.92 15.00
CA GLU A 153 -12.27 3.68 16.14
C GLU A 153 -11.11 3.01 16.88
N THR A 154 -10.80 1.74 16.61
CA THR A 154 -9.61 1.17 17.22
C THR A 154 -8.34 1.80 16.66
N TRP A 155 -8.43 2.41 15.49
CA TRP A 155 -7.29 3.05 14.84
C TRP A 155 -7.18 4.48 15.34
N ARG A 156 -5.99 4.86 15.81
CA ARG A 156 -5.72 6.23 16.24
C ARG A 156 -4.78 6.85 15.24
N GLY A 157 -5.12 8.05 14.77
CA GLY A 157 -4.47 8.66 13.64
C GLY A 157 -3.75 9.95 13.99
N GLU A 158 -2.67 10.20 13.25
CA GLU A 158 -1.98 11.48 13.27
C GLU A 158 -2.14 12.03 11.86
N THR A 159 -2.66 13.24 11.75
CA THR A 159 -2.90 13.88 10.46
C THR A 159 -1.93 15.03 10.30
N GLY A 160 -1.15 15.01 9.22
CA GLY A 160 -0.28 16.13 8.95
C GLY A 160 -1.03 17.29 8.32
N GLU A 161 -0.41 18.47 8.38
CA GLU A 161 -0.96 19.63 7.72
C GLU A 161 -0.88 19.47 6.20
N TRP A 162 -1.73 20.20 5.48
CA TRP A 162 -1.63 20.20 4.03
C TRP A 162 -0.28 20.74 3.60
N ARG A 163 0.35 20.04 2.67
CA ARG A 163 1.60 20.42 2.03
C ARG A 163 1.31 20.58 0.55
N PHE A 164 2.29 21.09 -0.20
CA PHE A 164 2.05 21.41 -1.60
C PHE A 164 3.14 20.77 -2.44
N SER A 165 2.73 19.99 -3.43
CA SER A 165 3.64 19.24 -4.28
CA SER A 165 3.67 19.25 -4.26
C SER A 165 4.25 20.13 -5.37
N ARG A 166 5.43 19.73 -5.83
CA ARG A 166 6.00 20.38 -7.02
C ARG A 166 5.02 20.31 -8.18
N SER A 167 4.19 19.26 -8.23
CA SER A 167 3.23 19.09 -9.31
CA SER A 167 3.21 19.04 -9.29
C SER A 167 1.96 19.92 -9.14
N GLY A 168 1.87 20.74 -8.11
CA GLY A 168 0.76 21.65 -8.00
C GLY A 168 -0.49 21.08 -7.36
N LEU A 169 -0.35 20.00 -6.61
CA LEU A 169 -1.45 19.41 -5.84
C LEU A 169 -1.13 19.52 -4.36
N ARG A 170 -2.15 19.84 -3.56
CA ARG A 170 -1.98 19.71 -2.12
C ARG A 170 -2.02 18.23 -1.75
N TYR A 171 -1.28 17.88 -0.69
CA TYR A 171 -1.29 16.53 -0.17
C TYR A 171 -0.98 16.59 1.31
N ARG A 172 -1.37 15.53 2.03
CA ARG A 172 -1.04 15.43 3.44
C ARG A 172 -0.83 13.96 3.79
N LEU A 173 -0.09 13.75 4.87
CA LEU A 173 0.23 12.41 5.32
C LEU A 173 -0.53 12.09 6.60
N TYR A 174 -0.99 10.85 6.71
CA TYR A 174 -1.55 10.33 7.95
C TYR A 174 -0.74 9.11 8.39
N SER A 175 -0.63 8.93 9.69
CA SER A 175 -0.07 7.71 10.27
CA SER A 175 -0.08 7.70 10.27
C SER A 175 -1.09 7.20 11.29
N TYR A 176 -1.55 5.98 11.10
CA TYR A 176 -2.49 5.37 12.03
C TYR A 176 -1.84 4.18 12.72
N HIS A 177 -2.24 3.94 13.98
CA HIS A 177 -1.71 2.83 14.75
C HIS A 177 -2.82 2.21 15.57
N ARG A 178 -2.66 0.92 15.88
CA ARG A 178 -3.45 0.28 16.91
C ARG A 178 -2.63 -0.85 17.51
N SER A 179 -3.10 -1.37 18.63
CA SER A 179 -2.36 -2.42 19.34
C SER A 179 -2.40 -3.76 18.64
#